data_1V4Y
#
_entry.id   1V4Y
#
_cell.length_a   60.160
_cell.length_b   76.706
_cell.length_c   135.218
_cell.angle_alpha   90.00
_cell.angle_beta   90.00
_cell.angle_gamma   90.00
#
_symmetry.space_group_name_H-M   'P 21 21 21'
#
loop_
_entity.id
_entity.type
_entity.pdbx_description
1 polymer D-aminoacylase
2 non-polymer 'ACETATE ION'
3 non-polymer 'ZINC ION'
4 water water
#
_entity_poly.entity_id   1
_entity_poly.type   'polypeptide(L)'
_entity_poly.pdbx_seq_one_letter_code
;MRGSHHHHHHGSMSQPDATPFDYILSGGTVIDGTNAPGRLADVGVRGDRIAAVGDLSASSARRRIDVAGKVVSPGFIDSH
THDDNYLLKHRDMTPKISQGVTTVVTGNCGISLAPLAHANPPAPLDLLDEGGSFRFARFSDYLEALRAAPPAVNAACMVG
HSTLRAAVMPDLRREATADEIQAMQALADDALASGAIGISTGAFYPPAAHASTEEIIEVCRPLITHGGVYATAMRDEGEH
IVQALEETFRIGRELDVPVVISHHKVMGKLNFGRSKETLALIEAAMASQDVSLDAYPYVAGSTMLKQDRVLLAGRTLITW
CKPYPELSGRDLEEIAAERGKSKYDVVPELQPAGAIYFMMDEPDVQRILAFGPTMIGSDGLPHDERPHPRLWGTFPRVLG
HYSRDLGLFPLETAVWKMTGLTAAKFGLAERGQVQPGYYADLVVFDPATVADSATFEHPTERAAGIHSVYVNGAAVWEDQ
SFTGQHAGRVLNRAGA
;
_entity_poly.pdbx_strand_id   A
#
loop_
_chem_comp.id
_chem_comp.type
_chem_comp.name
_chem_comp.formula
ACT non-polymer 'ACETATE ION' 'C2 H3 O2 -1'
ZN non-polymer 'ZINC ION' 'Zn 2'
#
# COMPACT_ATOMS: atom_id res chain seq x y z
N PRO A 20 -0.54 31.57 -19.40
CA PRO A 20 -1.87 31.19 -18.90
C PRO A 20 -1.85 29.78 -18.33
N PHE A 21 -2.70 29.53 -17.34
CA PHE A 21 -2.79 28.19 -16.74
C PHE A 21 -3.51 27.29 -17.74
N ASP A 22 -3.20 26.00 -17.70
CA ASP A 22 -3.87 25.04 -18.60
C ASP A 22 -5.32 24.95 -18.16
N TYR A 23 -5.55 24.97 -16.86
CA TYR A 23 -6.90 24.92 -16.32
C TYR A 23 -6.92 25.35 -14.86
N ILE A 24 -8.11 25.72 -14.40
CA ILE A 24 -8.31 26.12 -13.02
C ILE A 24 -9.52 25.34 -12.51
N LEU A 25 -9.37 24.71 -11.36
CA LEU A 25 -10.46 23.99 -10.73
C LEU A 25 -11.00 25.07 -9.82
N SER A 26 -12.14 25.65 -10.19
CA SER A 26 -12.68 26.76 -9.42
C SER A 26 -14.00 26.56 -8.70
N GLY A 27 -14.16 27.31 -7.61
CA GLY A 27 -15.38 27.27 -6.83
C GLY A 27 -15.49 26.24 -5.73
N GLY A 28 -14.48 25.39 -5.58
CA GLY A 28 -14.55 24.36 -4.56
C GLY A 28 -13.85 24.71 -3.26
N THR A 29 -13.70 23.70 -2.41
CA THR A 29 -13.03 23.84 -1.12
C THR A 29 -11.71 23.09 -1.16
N VAL A 30 -10.62 23.78 -0.88
CA VAL A 30 -9.32 23.13 -0.89
C VAL A 30 -8.92 22.61 0.48
N ILE A 31 -8.59 21.31 0.53
CA ILE A 31 -8.10 20.67 1.74
C ILE A 31 -6.69 20.37 1.23
N ASP A 32 -5.74 21.21 1.61
CA ASP A 32 -4.38 21.14 1.10
C ASP A 32 -3.42 20.05 1.54
N GLY A 33 -3.87 19.12 2.37
CA GLY A 33 -3.00 18.04 2.81
C GLY A 33 -2.06 18.35 3.96
N THR A 34 -2.22 19.52 4.59
CA THR A 34 -1.36 19.90 5.71
C THR A 34 -2.09 19.78 7.04
N ASN A 35 -3.25 19.12 7.02
CA ASN A 35 -4.08 18.91 8.19
C ASN A 35 -4.60 20.25 8.74
N ALA A 36 -5.28 20.98 7.86
CA ALA A 36 -5.89 22.26 8.19
C ALA A 36 -7.29 22.26 7.59
N PRO A 37 -8.27 22.86 8.28
CA PRO A 37 -9.64 22.89 7.77
C PRO A 37 -9.68 23.42 6.34
N GLY A 38 -10.56 22.87 5.53
CA GLY A 38 -10.67 23.30 4.15
C GLY A 38 -11.06 24.77 4.03
N ARG A 39 -10.67 25.38 2.92
CA ARG A 39 -10.99 26.78 2.67
C ARG A 39 -11.39 26.94 1.22
N LEU A 40 -12.32 27.85 0.97
CA LEU A 40 -12.76 28.11 -0.40
C LEU A 40 -11.60 28.72 -1.18
N ALA A 41 -11.21 28.07 -2.27
CA ALA A 41 -10.11 28.53 -3.08
C ALA A 41 -10.05 27.77 -4.40
N ASP A 42 -9.50 28.42 -5.42
CA ASP A 42 -9.35 27.79 -6.74
C ASP A 42 -7.95 27.20 -6.81
N VAL A 43 -7.75 26.27 -7.73
CA VAL A 43 -6.46 25.64 -7.91
C VAL A 43 -6.09 25.72 -9.39
N GLY A 44 -5.00 26.40 -9.70
CA GLY A 44 -4.58 26.53 -11.08
C GLY A 44 -3.42 25.61 -11.41
N VAL A 45 -3.46 25.01 -12.60
CA VAL A 45 -2.42 24.09 -13.03
C VAL A 45 -1.79 24.51 -14.36
N ARG A 46 -0.47 24.37 -14.44
CA ARG A 46 0.27 24.68 -15.66
C ARG A 46 1.24 23.52 -15.85
N GLY A 47 1.05 22.75 -16.92
CA GLY A 47 1.92 21.61 -17.14
C GLY A 47 1.69 20.58 -16.04
N ASP A 48 2.77 20.12 -15.42
CA ASP A 48 2.64 19.14 -14.35
C ASP A 48 2.64 19.76 -12.94
N ARG A 49 2.55 21.08 -12.87
CA ARG A 49 2.59 21.78 -11.59
C ARG A 49 1.35 22.57 -11.17
N ILE A 50 1.19 22.71 -9.86
CA ILE A 50 0.10 23.51 -9.31
C ILE A 50 0.73 24.91 -9.44
N ALA A 51 0.13 25.77 -10.24
CA ALA A 51 0.69 27.10 -10.44
C ALA A 51 0.31 28.09 -9.33
N ALA A 52 -0.92 27.99 -8.85
CA ALA A 52 -1.39 28.90 -7.81
C ALA A 52 -2.60 28.34 -7.10
N VAL A 53 -2.87 28.90 -5.92
CA VAL A 53 -4.00 28.49 -5.10
C VAL A 53 -4.60 29.73 -4.44
N GLY A 54 -5.92 29.87 -4.52
CA GLY A 54 -6.59 31.00 -3.92
C GLY A 54 -7.65 31.55 -4.86
N ASP A 55 -7.89 32.85 -4.81
CA ASP A 55 -8.86 33.46 -5.71
C ASP A 55 -8.10 33.66 -7.02
N LEU A 56 -8.38 32.82 -8.01
CA LEU A 56 -7.68 32.91 -9.29
C LEU A 56 -8.52 33.51 -10.42
N SER A 57 -9.54 34.26 -10.05
CA SER A 57 -10.40 34.90 -11.05
C SER A 57 -9.60 35.79 -12.00
N ALA A 58 -8.52 36.38 -11.50
CA ALA A 58 -7.70 37.28 -12.30
C ALA A 58 -6.61 36.59 -13.12
N SER A 59 -6.50 35.27 -13.00
CA SER A 59 -5.49 34.54 -13.75
C SER A 59 -6.07 33.95 -15.02
N SER A 60 -5.43 34.24 -16.15
CA SER A 60 -5.90 33.70 -17.42
C SER A 60 -5.73 32.19 -17.39
N ALA A 61 -6.73 31.47 -17.91
CA ALA A 61 -6.68 30.01 -17.94
C ALA A 61 -7.41 29.56 -19.20
N ARG A 62 -6.94 28.47 -19.79
CA ARG A 62 -7.57 27.96 -21.01
C ARG A 62 -8.89 27.27 -20.70
N ARG A 63 -9.07 26.87 -19.44
CA ARG A 63 -10.28 26.21 -19.00
C ARG A 63 -10.52 26.57 -17.53
N ARG A 64 -11.77 26.81 -17.18
CA ARG A 64 -12.11 27.12 -15.80
C ARG A 64 -13.20 26.13 -15.43
N ILE A 65 -12.76 25.00 -14.86
CA ILE A 65 -13.64 23.90 -14.47
C ILE A 65 -14.36 24.15 -13.15
N ASP A 66 -15.69 24.14 -13.19
CA ASP A 66 -16.49 24.37 -11.99
C ASP A 66 -16.56 23.14 -11.09
N VAL A 67 -16.05 23.29 -9.86
CA VAL A 67 -16.09 22.18 -8.91
C VAL A 67 -16.78 22.63 -7.63
N ALA A 68 -17.78 23.50 -7.79
CA ALA A 68 -18.54 24.01 -6.65
C ALA A 68 -19.16 22.84 -5.90
N GLY A 69 -19.09 22.90 -4.57
CA GLY A 69 -19.65 21.85 -3.76
C GLY A 69 -18.70 20.68 -3.56
N LYS A 70 -17.56 20.73 -4.24
CA LYS A 70 -16.57 19.66 -4.15
C LYS A 70 -15.33 20.07 -3.35
N VAL A 71 -14.50 19.08 -3.05
CA VAL A 71 -13.25 19.31 -2.35
C VAL A 71 -12.14 19.00 -3.33
N VAL A 72 -11.13 19.86 -3.37
CA VAL A 72 -9.96 19.61 -4.20
C VAL A 72 -8.88 19.32 -3.18
N SER A 73 -8.30 18.12 -3.25
CA SER A 73 -7.26 17.72 -2.32
C SER A 73 -6.09 17.14 -3.09
N PRO A 74 -4.99 16.84 -2.39
CA PRO A 74 -3.86 16.27 -3.12
C PRO A 74 -4.29 14.85 -3.53
N GLY A 75 -3.62 14.29 -4.53
CA GLY A 75 -3.94 12.93 -4.95
C GLY A 75 -3.60 12.02 -3.78
N PHE A 76 -4.34 10.93 -3.60
CA PHE A 76 -4.06 10.03 -2.49
C PHE A 76 -2.86 9.16 -2.81
N ILE A 77 -2.02 8.97 -1.80
CA ILE A 77 -0.82 8.16 -1.94
C ILE A 77 -1.07 6.85 -1.20
N ASP A 78 -1.09 5.74 -1.93
CA ASP A 78 -1.33 4.44 -1.30
C ASP A 78 -0.01 3.96 -0.71
N SER A 79 0.12 4.08 0.61
CA SER A 79 1.34 3.71 1.31
C SER A 79 1.69 2.23 1.30
N HIS A 80 0.72 1.37 1.01
CA HIS A 80 0.98 -0.06 1.03
C HIS A 80 0.26 -0.81 -0.09
N THR A 81 0.97 -1.04 -1.19
CA THR A 81 0.38 -1.75 -2.31
C THR A 81 1.22 -2.94 -2.75
N HIS A 82 0.59 -3.77 -3.56
CA HIS A 82 1.24 -4.93 -4.17
C HIS A 82 0.91 -4.79 -5.64
N ASP A 83 1.08 -3.57 -6.14
CA ASP A 83 0.80 -3.23 -7.53
C ASP A 83 2.03 -3.36 -8.44
N ASP A 84 3.12 -3.91 -7.90
CA ASP A 84 4.36 -4.07 -8.65
C ASP A 84 4.15 -4.48 -10.11
N ASN A 85 3.43 -5.57 -10.30
CA ASN A 85 3.19 -6.11 -11.63
C ASN A 85 1.94 -5.52 -12.30
N TYR A 86 0.95 -5.16 -11.48
CA TYR A 86 -0.27 -4.59 -12.03
C TYR A 86 0.03 -3.33 -12.83
N LEU A 87 1.03 -2.56 -12.38
CA LEU A 87 1.43 -1.34 -13.05
C LEU A 87 1.88 -1.62 -14.48
N LEU A 88 2.43 -2.82 -14.68
CA LEU A 88 2.91 -3.23 -16.00
C LEU A 88 1.83 -3.85 -16.87
N LYS A 89 1.02 -4.72 -16.28
CA LYS A 89 -0.03 -5.43 -17.02
C LYS A 89 -1.35 -4.71 -17.21
N HIS A 90 -1.66 -3.77 -16.32
CA HIS A 90 -2.91 -3.02 -16.40
C HIS A 90 -2.59 -1.58 -16.06
N ARG A 91 -1.94 -0.91 -17.01
CA ARG A 91 -1.49 0.47 -16.86
C ARG A 91 -2.57 1.47 -16.47
N ASP A 92 -3.81 1.13 -16.74
CA ASP A 92 -4.94 2.01 -16.40
C ASP A 92 -5.05 2.16 -14.87
N MET A 93 -4.64 1.13 -14.14
CA MET A 93 -4.68 1.15 -12.68
C MET A 93 -6.03 1.58 -12.13
N THR A 94 -7.09 1.15 -12.81
CA THR A 94 -8.45 1.50 -12.41
C THR A 94 -8.82 1.27 -10.94
N PRO A 95 -8.39 0.13 -10.35
CA PRO A 95 -8.74 -0.10 -8.94
C PRO A 95 -8.28 1.03 -8.03
N LYS A 96 -7.17 1.68 -8.39
CA LYS A 96 -6.63 2.76 -7.57
C LYS A 96 -7.05 4.16 -8.00
N ILE A 97 -6.96 4.48 -9.29
CA ILE A 97 -7.35 5.83 -9.70
C ILE A 97 -8.85 6.08 -9.49
N SER A 98 -9.66 5.02 -9.51
CA SER A 98 -11.10 5.19 -9.31
C SER A 98 -11.39 5.58 -7.86
N GLN A 99 -10.38 5.45 -7.00
CA GLN A 99 -10.49 5.79 -5.59
C GLN A 99 -9.83 7.13 -5.27
N GLY A 100 -9.16 7.71 -6.27
CA GLY A 100 -8.48 8.97 -6.06
C GLY A 100 -6.98 8.81 -5.80
N VAL A 101 -6.47 7.60 -5.98
CA VAL A 101 -5.04 7.35 -5.77
C VAL A 101 -4.24 7.84 -6.97
N THR A 102 -3.17 8.60 -6.69
CA THR A 102 -2.31 9.13 -7.74
C THR A 102 -0.87 8.61 -7.67
N THR A 103 -0.52 7.99 -6.55
CA THR A 103 0.81 7.43 -6.34
C THR A 103 0.71 6.14 -5.52
N VAL A 104 1.49 5.14 -5.90
CA VAL A 104 1.48 3.88 -5.16
C VAL A 104 2.88 3.50 -4.71
N VAL A 105 2.99 2.98 -3.49
CA VAL A 105 4.26 2.53 -2.96
C VAL A 105 4.24 1.03 -3.16
N THR A 106 5.18 0.50 -3.94
CA THR A 106 5.22 -0.93 -4.24
C THR A 106 6.33 -1.71 -3.51
N GLY A 107 6.31 -3.02 -3.69
CA GLY A 107 7.33 -3.88 -3.08
C GLY A 107 7.23 -4.00 -1.58
N ASN A 108 6.04 -4.31 -1.07
CA ASN A 108 5.83 -4.43 0.37
C ASN A 108 5.84 -5.85 0.92
N CYS A 109 5.96 -5.96 2.25
CA CYS A 109 5.99 -7.24 2.95
C CYS A 109 7.10 -8.16 2.46
N GLY A 110 8.19 -7.55 1.98
CA GLY A 110 9.31 -8.32 1.49
C GLY A 110 9.06 -8.89 0.10
N ILE A 111 7.93 -8.53 -0.49
CA ILE A 111 7.53 -9.02 -1.81
C ILE A 111 7.67 -7.97 -2.91
N SER A 112 8.66 -8.12 -3.78
CA SER A 112 8.82 -7.19 -4.90
C SER A 112 8.90 -8.02 -6.18
N LEU A 113 8.49 -7.43 -7.31
CA LEU A 113 8.53 -8.19 -8.55
C LEU A 113 9.97 -8.45 -8.97
N ALA A 114 10.84 -7.48 -8.74
CA ALA A 114 12.26 -7.61 -9.11
C ALA A 114 13.13 -7.43 -7.87
N PRO A 115 14.36 -7.94 -7.90
CA PRO A 115 14.99 -8.68 -9.00
C PRO A 115 14.85 -10.19 -8.83
N LEU A 116 14.22 -10.84 -9.81
CA LEU A 116 14.03 -12.28 -9.76
C LEU A 116 13.48 -12.85 -11.05
N ALA A 117 14.23 -13.76 -11.66
CA ALA A 117 13.78 -14.42 -12.87
C ALA A 117 13.41 -15.82 -12.40
N HIS A 118 12.11 -16.07 -12.24
CA HIS A 118 11.65 -17.37 -11.76
C HIS A 118 10.29 -17.68 -12.37
N ALA A 119 10.12 -18.91 -12.86
CA ALA A 119 8.85 -19.30 -13.48
C ALA A 119 7.80 -19.72 -12.45
N ASN A 120 8.25 -20.06 -11.26
CA ASN A 120 7.34 -20.48 -10.20
C ASN A 120 7.81 -19.96 -8.85
N PRO A 121 7.76 -18.63 -8.65
CA PRO A 121 8.18 -18.04 -7.37
C PRO A 121 7.35 -18.57 -6.22
N PRO A 122 7.97 -18.78 -5.06
CA PRO A 122 7.28 -19.28 -3.86
C PRO A 122 6.33 -18.26 -3.24
N ALA A 123 5.22 -18.75 -2.70
CA ALA A 123 4.25 -17.89 -2.05
C ALA A 123 4.96 -17.19 -0.90
N PRO A 124 4.57 -15.95 -0.57
CA PRO A 124 3.52 -15.13 -1.19
C PRO A 124 3.94 -14.30 -2.41
N LEU A 125 5.10 -14.60 -2.99
CA LEU A 125 5.54 -13.84 -4.16
C LEU A 125 4.57 -14.05 -5.32
N ASP A 126 3.93 -15.21 -5.34
CA ASP A 126 2.99 -15.52 -6.40
C ASP A 126 1.76 -14.60 -6.43
N LEU A 127 1.61 -13.77 -5.40
CA LEU A 127 0.48 -12.85 -5.37
C LEU A 127 0.63 -11.79 -6.46
N LEU A 128 1.85 -11.63 -6.97
CA LEU A 128 2.13 -10.66 -8.02
C LEU A 128 2.19 -11.31 -9.41
N ASP A 129 2.21 -12.63 -9.44
CA ASP A 129 2.35 -13.35 -10.70
C ASP A 129 1.07 -13.56 -11.52
N GLU A 130 1.18 -13.33 -12.82
CA GLU A 130 0.09 -13.53 -13.75
C GLU A 130 0.49 -14.65 -14.72
N GLY A 131 1.65 -15.22 -14.48
CA GLY A 131 2.15 -16.29 -15.33
C GLY A 131 3.41 -15.84 -16.03
N GLY A 132 4.56 -16.23 -15.50
CA GLY A 132 5.83 -15.85 -16.08
C GLY A 132 6.08 -14.36 -15.93
N SER A 133 5.50 -13.76 -14.88
CA SER A 133 5.67 -12.33 -14.63
C SER A 133 7.04 -11.96 -14.07
N PHE A 134 7.65 -12.86 -13.32
CA PHE A 134 8.97 -12.59 -12.75
C PHE A 134 10.04 -12.82 -13.81
N ARG A 135 10.25 -11.80 -14.63
CA ARG A 135 11.20 -11.87 -15.73
C ARG A 135 12.31 -10.82 -15.62
N PHE A 136 12.31 -10.06 -14.55
CA PHE A 136 13.31 -9.00 -14.36
C PHE A 136 14.50 -9.45 -13.51
N ALA A 137 15.63 -9.70 -14.16
CA ALA A 137 16.84 -10.14 -13.48
C ALA A 137 17.44 -9.04 -12.62
N ARG A 138 17.26 -7.80 -13.05
CA ARG A 138 17.79 -6.66 -12.31
C ARG A 138 16.65 -5.69 -11.98
N PHE A 139 16.77 -5.00 -10.85
CA PHE A 139 15.74 -4.06 -10.43
C PHE A 139 15.62 -2.93 -11.46
N SER A 140 16.75 -2.50 -12.02
CA SER A 140 16.74 -1.43 -13.00
C SER A 140 15.93 -1.80 -14.24
N ASP A 141 15.92 -3.09 -14.60
CA ASP A 141 15.16 -3.54 -15.76
C ASP A 141 13.69 -3.28 -15.50
N TYR A 142 13.27 -3.52 -14.26
CA TYR A 142 11.88 -3.32 -13.87
C TYR A 142 11.51 -1.84 -13.93
N LEU A 143 12.34 -0.99 -13.35
CA LEU A 143 12.07 0.44 -13.36
C LEU A 143 12.09 1.00 -14.78
N GLU A 144 12.99 0.50 -15.62
CA GLU A 144 13.08 0.94 -17.00
C GLU A 144 11.80 0.59 -17.74
N ALA A 145 11.24 -0.58 -17.45
CA ALA A 145 10.01 -1.04 -18.08
C ALA A 145 8.84 -0.10 -17.74
N LEU A 146 8.79 0.35 -16.49
CA LEU A 146 7.73 1.25 -16.06
C LEU A 146 7.86 2.59 -16.76
N ARG A 147 9.09 3.11 -16.83
CA ARG A 147 9.31 4.39 -17.47
C ARG A 147 8.99 4.37 -18.96
N ALA A 148 9.27 3.25 -19.62
CA ALA A 148 9.03 3.12 -21.05
C ALA A 148 7.54 3.03 -21.42
N ALA A 149 6.75 2.46 -20.52
CA ALA A 149 5.31 2.30 -20.73
C ALA A 149 4.66 2.65 -19.39
N PRO A 150 4.69 3.93 -19.02
CA PRO A 150 4.14 4.42 -17.76
C PRO A 150 2.68 4.11 -17.44
N PRO A 151 2.42 3.83 -16.15
CA PRO A 151 1.06 3.51 -15.69
C PRO A 151 0.35 4.84 -15.47
N ALA A 152 -0.91 4.79 -15.06
CA ALA A 152 -1.67 6.01 -14.82
C ALA A 152 -1.28 6.73 -13.54
N VAL A 153 -0.68 6.00 -12.61
CA VAL A 153 -0.26 6.59 -11.33
C VAL A 153 1.26 6.61 -11.19
N ASN A 154 1.76 7.40 -10.26
CA ASN A 154 3.19 7.45 -10.00
C ASN A 154 3.53 6.21 -9.20
N ALA A 155 4.78 5.80 -9.24
CA ALA A 155 5.22 4.62 -8.50
C ALA A 155 6.50 4.87 -7.73
N ALA A 156 6.45 4.58 -6.43
CA ALA A 156 7.59 4.71 -5.53
C ALA A 156 7.84 3.24 -5.19
N CYS A 157 8.93 2.68 -5.72
CA CYS A 157 9.23 1.27 -5.56
C CYS A 157 10.28 0.81 -4.56
N MET A 158 9.93 -0.21 -3.79
CA MET A 158 10.86 -0.78 -2.81
C MET A 158 11.24 -2.17 -3.30
N VAL A 159 12.39 -2.67 -2.84
CA VAL A 159 12.82 -4.00 -3.21
C VAL A 159 12.51 -4.88 -2.00
N GLY A 160 12.04 -6.09 -2.24
CA GLY A 160 11.67 -6.97 -1.15
C GLY A 160 12.69 -8.02 -0.74
N HIS A 161 12.93 -8.12 0.56
CA HIS A 161 13.89 -9.08 1.11
C HIS A 161 13.58 -10.52 0.72
N SER A 162 12.31 -10.91 0.71
CA SER A 162 11.96 -12.28 0.34
C SER A 162 12.27 -12.55 -1.13
N THR A 163 12.11 -11.51 -1.96
CA THR A 163 12.42 -11.68 -3.37
C THR A 163 13.93 -11.86 -3.49
N LEU A 164 14.68 -11.13 -2.68
CA LEU A 164 16.14 -11.24 -2.70
C LEU A 164 16.56 -12.64 -2.26
N ARG A 165 15.92 -13.17 -1.23
CA ARG A 165 16.25 -14.51 -0.77
C ARG A 165 15.96 -15.53 -1.86
N ALA A 166 14.82 -15.38 -2.53
CA ALA A 166 14.44 -16.29 -3.60
C ALA A 166 15.42 -16.25 -4.77
N ALA A 167 15.99 -15.07 -5.00
CA ALA A 167 16.93 -14.90 -6.10
C ALA A 167 18.34 -15.41 -5.78
N VAL A 168 18.67 -15.46 -4.49
CA VAL A 168 20.00 -15.89 -4.07
C VAL A 168 20.13 -17.27 -3.43
N MET A 169 19.23 -17.58 -2.50
CA MET A 169 19.29 -18.85 -1.77
C MET A 169 18.71 -20.09 -2.42
N PRO A 170 19.48 -21.18 -2.46
CA PRO A 170 19.04 -22.44 -3.06
C PRO A 170 18.00 -23.07 -2.14
N ASP A 171 18.20 -22.87 -0.85
CA ASP A 171 17.29 -23.39 0.18
C ASP A 171 16.91 -22.25 1.11
N LEU A 172 15.62 -21.91 1.11
CA LEU A 172 15.11 -20.81 1.93
C LEU A 172 14.77 -21.18 3.38
N ARG A 173 14.64 -22.46 3.67
CA ARG A 173 14.29 -22.91 5.01
C ARG A 173 15.44 -22.92 6.00
N ARG A 174 16.24 -21.87 6.00
CA ARG A 174 17.37 -21.77 6.91
C ARG A 174 17.90 -20.34 6.90
N GLU A 175 18.84 -20.06 7.79
CA GLU A 175 19.43 -18.72 7.84
C GLU A 175 20.38 -18.61 6.66
N ALA A 176 20.58 -17.39 6.17
CA ALA A 176 21.46 -17.18 5.03
C ALA A 176 22.92 -17.19 5.49
N THR A 177 23.80 -17.62 4.60
CA THR A 177 25.23 -17.67 4.90
C THR A 177 25.83 -16.30 4.62
N ALA A 178 27.09 -16.11 5.00
CA ALA A 178 27.76 -14.85 4.78
C ALA A 178 27.75 -14.50 3.29
N ASP A 179 28.03 -15.49 2.46
CA ASP A 179 28.05 -15.29 1.01
C ASP A 179 26.69 -14.93 0.44
N GLU A 180 25.65 -15.57 0.95
CA GLU A 180 24.30 -15.28 0.49
C GLU A 180 23.86 -13.90 0.94
N ILE A 181 24.21 -13.53 2.17
CA ILE A 181 23.86 -12.22 2.69
C ILE A 181 24.57 -11.17 1.83
N GLN A 182 25.82 -11.43 1.50
CA GLN A 182 26.60 -10.51 0.66
C GLN A 182 25.96 -10.36 -0.71
N ALA A 183 25.47 -11.47 -1.27
CA ALA A 183 24.85 -11.44 -2.59
C ALA A 183 23.54 -10.66 -2.53
N MET A 184 22.76 -10.86 -1.47
CA MET A 184 21.49 -10.14 -1.34
C MET A 184 21.74 -8.66 -1.12
N GLN A 185 22.72 -8.35 -0.28
CA GLN A 185 23.06 -6.96 0.01
C GLN A 185 23.50 -6.25 -1.27
N ALA A 186 24.17 -6.98 -2.15
CA ALA A 186 24.63 -6.42 -3.42
C ALA A 186 23.44 -6.08 -4.29
N LEU A 187 22.46 -6.97 -4.32
CA LEU A 187 21.25 -6.74 -5.10
C LEU A 187 20.46 -5.58 -4.51
N ALA A 188 20.38 -5.54 -3.18
CA ALA A 188 19.66 -4.48 -2.48
C ALA A 188 20.29 -3.13 -2.82
N ASP A 189 21.62 -3.08 -2.76
CA ASP A 189 22.33 -1.85 -3.05
C ASP A 189 22.13 -1.40 -4.50
N ASP A 190 22.16 -2.35 -5.43
CA ASP A 190 21.97 -2.01 -6.84
C ASP A 190 20.57 -1.44 -7.04
N ALA A 191 19.59 -2.05 -6.38
CA ALA A 191 18.20 -1.59 -6.48
C ALA A 191 18.06 -0.16 -5.99
N LEU A 192 18.63 0.13 -4.83
CA LEU A 192 18.55 1.47 -4.27
C LEU A 192 19.26 2.45 -5.20
N ALA A 193 20.40 2.03 -5.74
CA ALA A 193 21.16 2.87 -6.66
C ALA A 193 20.35 3.18 -7.91
N SER A 194 19.53 2.20 -8.34
CA SER A 194 18.69 2.34 -9.52
C SER A 194 17.44 3.18 -9.31
N GLY A 195 17.10 3.46 -8.05
CA GLY A 195 15.92 4.26 -7.79
C GLY A 195 14.96 3.75 -6.73
N ALA A 196 15.20 2.54 -6.22
CA ALA A 196 14.32 2.00 -5.19
C ALA A 196 14.33 2.95 -3.99
N ILE A 197 13.17 3.14 -3.35
CA ILE A 197 13.09 4.06 -2.22
C ILE A 197 13.27 3.40 -0.86
N GLY A 198 13.47 2.08 -0.85
CA GLY A 198 13.65 1.38 0.39
C GLY A 198 13.64 -0.12 0.22
N ILE A 199 13.67 -0.83 1.35
CA ILE A 199 13.65 -2.29 1.36
C ILE A 199 12.57 -2.72 2.34
N SER A 200 11.82 -3.75 1.99
CA SER A 200 10.77 -4.25 2.88
C SER A 200 11.05 -5.70 3.25
N THR A 201 10.49 -6.14 4.38
CA THR A 201 10.65 -7.52 4.82
C THR A 201 9.28 -8.06 5.22
N GLY A 202 9.17 -9.38 5.29
CA GLY A 202 7.94 -10.04 5.68
C GLY A 202 8.31 -11.39 6.26
N ALA A 203 8.98 -11.37 7.40
CA ALA A 203 9.45 -12.58 8.07
C ALA A 203 8.36 -13.52 8.59
N PHE A 204 7.11 -13.10 8.45
CA PHE A 204 5.99 -13.93 8.89
C PHE A 204 5.80 -15.04 7.86
N TYR A 205 6.17 -14.75 6.61
CA TYR A 205 6.01 -15.68 5.50
C TYR A 205 7.15 -16.70 5.31
N PRO A 206 6.81 -17.88 4.77
CA PRO A 206 7.75 -18.98 4.52
C PRO A 206 9.13 -18.63 3.94
N PRO A 207 9.16 -17.83 2.86
CA PRO A 207 10.46 -17.48 2.27
C PRO A 207 11.46 -16.81 3.21
N ALA A 208 10.95 -16.12 4.23
CA ALA A 208 11.82 -15.41 5.16
C ALA A 208 11.64 -15.74 6.64
N ALA A 209 10.83 -16.74 6.95
CA ALA A 209 10.58 -17.11 8.35
C ALA A 209 11.86 -17.53 9.08
N HIS A 210 12.84 -18.02 8.34
CA HIS A 210 14.10 -18.48 8.93
C HIS A 210 15.18 -17.40 8.95
N ALA A 211 14.88 -16.23 8.41
CA ALA A 211 15.84 -15.14 8.39
C ALA A 211 16.02 -14.59 9.79
N SER A 212 17.27 -14.47 10.23
CA SER A 212 17.56 -13.94 11.55
C SER A 212 17.46 -12.42 11.49
N THR A 213 17.42 -11.78 12.66
CA THR A 213 17.35 -10.34 12.71
C THR A 213 18.65 -9.78 12.12
N GLU A 214 19.77 -10.45 12.40
CA GLU A 214 21.06 -10.01 11.90
C GLU A 214 21.13 -10.08 10.37
N GLU A 215 20.50 -11.09 9.79
CA GLU A 215 20.50 -11.22 8.33
C GLU A 215 19.81 -10.00 7.73
N ILE A 216 18.67 -9.65 8.29
CA ILE A 216 17.90 -8.51 7.83
C ILE A 216 18.69 -7.21 7.92
N ILE A 217 19.35 -7.01 9.07
CA ILE A 217 20.14 -5.81 9.26
C ILE A 217 21.25 -5.68 8.22
N GLU A 218 22.00 -6.76 8.00
CA GLU A 218 23.10 -6.73 7.03
C GLU A 218 22.65 -6.50 5.59
N VAL A 219 21.56 -7.15 5.19
CA VAL A 219 21.05 -6.99 3.83
C VAL A 219 20.57 -5.55 3.61
N CYS A 220 20.04 -4.93 4.64
CA CYS A 220 19.52 -3.57 4.55
C CYS A 220 20.51 -2.44 4.85
N ARG A 221 21.78 -2.79 5.05
CA ARG A 221 22.81 -1.78 5.34
C ARG A 221 22.86 -0.65 4.31
N PRO A 222 22.66 -0.94 3.01
CA PRO A 222 22.69 0.11 1.97
C PRO A 222 21.71 1.26 2.19
N LEU A 223 20.68 1.04 2.99
CA LEU A 223 19.67 2.07 3.24
C LEU A 223 20.24 3.35 3.82
N ILE A 224 21.25 3.23 4.68
CA ILE A 224 21.84 4.41 5.28
C ILE A 224 22.61 5.23 4.25
N THR A 225 23.29 4.55 3.34
CA THR A 225 24.07 5.22 2.30
C THR A 225 23.19 5.88 1.24
N HIS A 226 22.10 5.21 0.88
CA HIS A 226 21.18 5.70 -0.14
C HIS A 226 20.03 6.54 0.39
N GLY A 227 19.84 6.53 1.71
CA GLY A 227 18.77 7.31 2.30
C GLY A 227 17.37 6.77 2.06
N GLY A 228 17.21 5.46 2.15
CA GLY A 228 15.91 4.86 1.94
C GLY A 228 15.22 4.49 3.24
N VAL A 229 14.04 3.90 3.16
CA VAL A 229 13.29 3.51 4.35
C VAL A 229 13.22 2.00 4.49
N TYR A 230 12.94 1.55 5.71
CA TYR A 230 12.81 0.13 6.00
C TYR A 230 11.34 -0.11 6.31
N ALA A 231 10.66 -0.90 5.48
CA ALA A 231 9.23 -1.18 5.70
C ALA A 231 9.11 -2.65 6.10
N THR A 232 8.12 -2.96 6.94
CA THR A 232 7.99 -4.34 7.37
C THR A 232 6.63 -4.86 7.79
N ALA A 233 6.36 -6.08 7.38
CA ALA A 233 5.16 -6.80 7.78
C ALA A 233 5.82 -7.56 8.93
N MET A 234 5.57 -7.11 10.15
CA MET A 234 6.20 -7.73 11.31
C MET A 234 6.10 -9.25 11.36
N ARG A 235 7.11 -9.85 11.98
CA ARG A 235 7.23 -11.31 12.07
C ARG A 235 6.00 -11.97 12.68
N ASP A 236 5.33 -11.28 13.59
CA ASP A 236 4.13 -11.79 14.23
C ASP A 236 3.23 -10.61 14.62
N GLU A 237 1.92 -10.77 14.43
CA GLU A 237 0.98 -9.71 14.77
C GLU A 237 -0.08 -10.20 15.73
N GLY A 238 0.24 -11.25 16.48
CA GLY A 238 -0.70 -11.80 17.42
C GLY A 238 -0.11 -11.93 18.81
N GLU A 239 -0.05 -13.16 19.31
CA GLU A 239 0.48 -13.42 20.65
C GLU A 239 1.87 -12.83 20.91
N HIS A 240 2.74 -12.85 19.90
CA HIS A 240 4.08 -12.34 20.06
C HIS A 240 4.34 -11.01 19.35
N ILE A 241 3.30 -10.19 19.21
CA ILE A 241 3.48 -8.92 18.52
C ILE A 241 4.44 -7.98 19.25
N VAL A 242 4.49 -8.06 20.57
CA VAL A 242 5.41 -7.20 21.33
C VAL A 242 6.85 -7.51 20.93
N GLN A 243 7.18 -8.79 20.85
CA GLN A 243 8.53 -9.21 20.46
C GLN A 243 8.81 -8.78 19.02
N ALA A 244 7.79 -8.85 18.17
CA ALA A 244 7.94 -8.46 16.77
C ALA A 244 8.15 -6.96 16.66
N LEU A 245 7.47 -6.20 17.52
CA LEU A 245 7.62 -4.75 17.52
C LEU A 245 9.02 -4.40 17.98
N GLU A 246 9.49 -5.09 19.02
CA GLU A 246 10.82 -4.85 19.55
C GLU A 246 11.89 -5.14 18.50
N GLU A 247 11.70 -6.23 17.74
CA GLU A 247 12.67 -6.57 16.70
C GLU A 247 12.73 -5.44 15.68
N THR A 248 11.55 -4.95 15.29
CA THR A 248 11.46 -3.88 14.32
C THR A 248 12.13 -2.60 14.82
N PHE A 249 11.89 -2.24 16.08
CA PHE A 249 12.51 -1.05 16.62
C PHE A 249 14.02 -1.23 16.66
N ARG A 250 14.46 -2.43 17.03
CA ARG A 250 15.90 -2.74 17.10
C ARG A 250 16.55 -2.58 15.74
N ILE A 251 15.92 -3.14 14.70
CA ILE A 251 16.46 -3.02 13.36
C ILE A 251 16.54 -1.54 13.00
N GLY A 252 15.53 -0.77 13.37
CA GLY A 252 15.53 0.65 13.09
C GLY A 252 16.73 1.35 13.70
N ARG A 253 17.03 1.02 14.95
CA ARG A 253 18.16 1.63 15.64
C ARG A 253 19.50 1.20 15.04
N GLU A 254 19.61 -0.08 14.70
CA GLU A 254 20.85 -0.60 14.14
C GLU A 254 21.17 0.01 12.78
N LEU A 255 20.13 0.28 11.99
CA LEU A 255 20.30 0.86 10.66
C LEU A 255 20.31 2.38 10.68
N ASP A 256 19.65 2.95 11.70
CA ASP A 256 19.52 4.39 11.84
C ASP A 256 18.82 4.96 10.61
N VAL A 257 17.70 4.34 10.25
CA VAL A 257 16.90 4.78 9.11
C VAL A 257 15.44 4.72 9.53
N PRO A 258 14.55 5.41 8.81
CA PRO A 258 13.13 5.39 9.17
C PRO A 258 12.54 4.00 8.97
N VAL A 259 11.65 3.58 9.88
CA VAL A 259 11.01 2.29 9.77
C VAL A 259 9.51 2.51 9.58
N VAL A 260 8.88 1.67 8.78
CA VAL A 260 7.45 1.77 8.55
C VAL A 260 6.82 0.43 8.91
N ILE A 261 5.92 0.44 9.87
CA ILE A 261 5.23 -0.77 10.30
C ILE A 261 4.01 -0.92 9.41
N SER A 262 4.02 -1.95 8.57
CA SER A 262 2.92 -2.21 7.62
C SER A 262 1.67 -2.83 8.23
N HIS A 263 0.53 -2.48 7.65
CA HIS A 263 -0.78 -2.97 8.07
C HIS A 263 -0.87 -3.32 9.55
N HIS A 264 -0.67 -2.33 10.41
CA HIS A 264 -0.72 -2.58 11.84
C HIS A 264 -2.08 -3.11 12.28
N LYS A 265 -2.04 -4.14 13.12
CA LYS A 265 -3.23 -4.79 13.62
C LYS A 265 -2.85 -5.70 14.78
N VAL A 266 -3.87 -6.23 15.45
CA VAL A 266 -3.69 -7.19 16.52
C VAL A 266 -4.67 -8.29 16.08
N MET A 267 -4.14 -9.44 15.68
CA MET A 267 -5.01 -10.50 15.18
C MET A 267 -5.29 -11.65 16.14
N GLY A 268 -6.53 -12.15 16.07
CA GLY A 268 -6.95 -13.24 16.92
C GLY A 268 -7.73 -12.76 18.11
N LYS A 269 -8.80 -13.49 18.45
CA LYS A 269 -9.66 -13.12 19.59
C LYS A 269 -8.88 -12.91 20.89
N LEU A 270 -7.80 -13.65 21.07
CA LEU A 270 -7.00 -13.52 22.30
C LEU A 270 -6.17 -12.25 22.31
N ASN A 271 -6.18 -11.51 21.20
CA ASN A 271 -5.42 -10.27 21.11
C ASN A 271 -6.30 -9.05 20.87
N PHE A 272 -7.60 -9.26 20.80
CA PHE A 272 -8.53 -8.15 20.60
C PHE A 272 -8.37 -7.16 21.75
N GLY A 273 -8.32 -5.87 21.42
CA GLY A 273 -8.17 -4.84 22.43
C GLY A 273 -6.73 -4.48 22.73
N ARG A 274 -5.80 -5.29 22.25
CA ARG A 274 -4.39 -5.02 22.51
C ARG A 274 -3.80 -3.87 21.69
N SER A 275 -4.62 -3.24 20.86
CA SER A 275 -4.13 -2.11 20.06
C SER A 275 -3.74 -0.96 20.99
N LYS A 276 -4.36 -0.89 22.16
CA LYS A 276 -4.04 0.16 23.12
C LYS A 276 -2.57 -0.05 23.53
N GLU A 277 -2.24 -1.31 23.77
CA GLU A 277 -0.91 -1.73 24.17
C GLU A 277 0.13 -1.47 23.08
N THR A 278 -0.15 -1.94 21.86
CA THR A 278 0.79 -1.78 20.77
C THR A 278 1.00 -0.31 20.38
N LEU A 279 -0.08 0.45 20.33
CA LEU A 279 0.02 1.86 19.97
C LEU A 279 0.82 2.63 21.01
N ALA A 280 0.76 2.21 22.27
CA ALA A 280 1.51 2.88 23.32
C ALA A 280 3.00 2.61 23.09
N LEU A 281 3.33 1.37 22.73
CA LEU A 281 4.72 0.99 22.47
C LEU A 281 5.27 1.76 21.27
N ILE A 282 4.44 1.89 20.23
CA ILE A 282 4.85 2.60 19.03
C ILE A 282 5.02 4.09 19.32
N GLU A 283 4.07 4.66 20.05
CA GLU A 283 4.14 6.08 20.40
C GLU A 283 5.43 6.35 21.17
N ALA A 284 5.78 5.45 22.07
CA ALA A 284 6.99 5.59 22.87
C ALA A 284 8.25 5.54 22.00
N ALA A 285 8.27 4.59 21.05
CA ALA A 285 9.42 4.45 20.16
C ALA A 285 9.60 5.69 19.30
N MET A 286 8.49 6.31 18.88
CA MET A 286 8.55 7.49 18.04
C MET A 286 9.25 8.67 18.70
N ALA A 287 9.27 8.69 20.02
CA ALA A 287 9.91 9.78 20.75
C ALA A 287 11.43 9.63 20.73
N SER A 288 11.91 8.41 20.50
CA SER A 288 13.35 8.14 20.48
C SER A 288 13.94 7.81 19.11
N GLN A 289 13.09 7.35 18.19
CA GLN A 289 13.58 6.99 16.86
C GLN A 289 12.53 7.24 15.80
N ASP A 290 12.91 7.11 14.53
CA ASP A 290 12.02 7.34 13.41
C ASP A 290 11.11 6.16 13.12
N VAL A 291 9.84 6.26 13.51
CA VAL A 291 8.88 5.19 13.31
C VAL A 291 7.58 5.71 12.69
N SER A 292 7.06 4.94 11.73
CA SER A 292 5.80 5.28 11.06
C SER A 292 5.00 3.98 10.95
N LEU A 293 3.74 4.09 10.53
CA LEU A 293 2.91 2.91 10.38
C LEU A 293 1.73 3.23 9.48
N ASP A 294 1.16 2.20 8.86
CA ASP A 294 -0.02 2.40 8.04
C ASP A 294 -0.99 1.27 8.33
N ALA A 295 -2.21 1.39 7.82
CA ALA A 295 -3.21 0.37 8.03
C ALA A 295 -4.35 0.55 7.04
N TYR A 296 -5.14 -0.51 6.87
CA TYR A 296 -6.31 -0.47 5.99
C TYR A 296 -7.54 -0.51 6.89
N PRO A 297 -8.63 0.15 6.47
CA PRO A 297 -9.89 0.21 7.22
C PRO A 297 -10.85 -0.97 7.21
N TYR A 298 -10.34 -2.17 7.45
CA TYR A 298 -11.20 -3.36 7.46
C TYR A 298 -10.82 -4.34 8.57
N VAL A 299 -11.75 -5.22 8.91
CA VAL A 299 -11.52 -6.21 9.96
C VAL A 299 -11.08 -7.57 9.44
N ALA A 300 -10.76 -7.65 8.15
CA ALA A 300 -10.29 -8.89 7.55
C ALA A 300 -9.00 -8.61 6.80
N GLY A 301 -8.07 -9.57 6.85
CA GLY A 301 -6.82 -9.41 6.13
C GLY A 301 -6.85 -10.29 4.90
N SER A 302 -5.79 -10.26 4.10
CA SER A 302 -5.75 -11.08 2.91
C SER A 302 -4.30 -11.27 2.45
N THR A 303 -3.98 -12.49 2.07
CA THR A 303 -2.64 -12.83 1.61
C THR A 303 -2.67 -14.27 1.12
N MET A 304 -1.51 -14.92 1.05
CA MET A 304 -1.43 -16.30 0.61
C MET A 304 -2.22 -17.19 1.56
N LEU A 305 -2.71 -18.33 1.07
CA LEU A 305 -3.40 -19.27 1.94
C LEU A 305 -2.23 -19.90 2.70
N LYS A 306 -2.30 -19.86 4.04
CA LYS A 306 -1.22 -20.39 4.85
C LYS A 306 -1.69 -21.25 6.02
N GLN A 307 -0.90 -22.26 6.38
CA GLN A 307 -1.24 -23.10 7.52
C GLN A 307 -0.90 -22.36 8.80
N ASP A 308 -1.84 -21.59 9.31
CA ASP A 308 -1.61 -20.81 10.52
C ASP A 308 -2.86 -20.88 11.39
N ARG A 309 -2.69 -21.39 12.61
CA ARG A 309 -3.79 -21.55 13.57
C ARG A 309 -4.58 -20.27 13.81
N VAL A 310 -3.87 -19.16 14.01
CA VAL A 310 -4.53 -17.89 14.28
C VAL A 310 -5.24 -17.35 13.05
N LEU A 311 -4.56 -17.32 11.91
CA LEU A 311 -5.17 -16.82 10.68
C LEU A 311 -6.43 -17.58 10.30
N LEU A 312 -6.40 -18.88 10.51
CA LEU A 312 -7.52 -19.75 10.15
C LEU A 312 -8.57 -19.97 11.24
N ALA A 313 -8.44 -19.29 12.36
CA ALA A 313 -9.39 -19.45 13.45
C ALA A 313 -10.81 -19.00 13.10
N GLY A 314 -10.91 -17.88 12.39
CA GLY A 314 -12.22 -17.36 12.02
C GLY A 314 -12.63 -17.59 10.58
N ARG A 315 -13.64 -16.85 10.14
CA ARG A 315 -14.14 -16.96 8.78
C ARG A 315 -13.00 -16.74 7.79
N THR A 316 -12.88 -17.66 6.84
CA THR A 316 -11.82 -17.58 5.84
C THR A 316 -12.41 -17.83 4.45
N LEU A 317 -12.11 -16.94 3.51
CA LEU A 317 -12.62 -17.07 2.15
C LEU A 317 -11.45 -17.23 1.18
N ILE A 318 -11.63 -18.08 0.18
CA ILE A 318 -10.59 -18.29 -0.82
C ILE A 318 -10.70 -17.20 -1.88
N THR A 319 -9.58 -16.57 -2.21
CA THR A 319 -9.56 -15.51 -3.22
C THR A 319 -9.20 -16.07 -4.59
N TRP A 320 -8.40 -17.12 -4.59
CA TRP A 320 -7.98 -17.82 -5.81
C TRP A 320 -7.32 -19.12 -5.40
N CYS A 321 -7.32 -20.12 -6.29
CA CYS A 321 -6.72 -21.41 -5.98
C CYS A 321 -6.17 -22.04 -7.25
N LYS A 322 -4.87 -22.31 -7.27
CA LYS A 322 -4.25 -22.89 -8.46
C LYS A 322 -4.68 -24.33 -8.78
N PRO A 323 -4.50 -25.26 -7.83
CA PRO A 323 -4.90 -26.65 -8.13
C PRO A 323 -6.41 -26.86 -8.32
N TYR A 324 -7.21 -26.02 -7.67
CA TYR A 324 -8.67 -26.12 -7.77
C TYR A 324 -9.28 -24.73 -7.97
N PRO A 325 -9.19 -24.19 -9.19
CA PRO A 325 -9.70 -22.86 -9.54
C PRO A 325 -11.15 -22.60 -9.16
N GLU A 326 -11.97 -23.65 -9.17
CA GLU A 326 -13.39 -23.49 -8.84
C GLU A 326 -13.64 -23.06 -7.39
N LEU A 327 -12.65 -23.24 -6.53
CA LEU A 327 -12.79 -22.87 -5.12
C LEU A 327 -12.79 -21.36 -4.87
N SER A 328 -12.40 -20.59 -5.87
CA SER A 328 -12.35 -19.14 -5.73
C SER A 328 -13.69 -18.58 -5.26
N GLY A 329 -13.67 -17.85 -4.15
CA GLY A 329 -14.88 -17.26 -3.60
C GLY A 329 -15.56 -18.08 -2.53
N ARG A 330 -15.18 -19.35 -2.38
CA ARG A 330 -15.79 -20.22 -1.38
C ARG A 330 -15.30 -20.03 0.05
N ASP A 331 -16.12 -20.51 0.98
CA ASP A 331 -15.81 -20.46 2.41
C ASP A 331 -14.90 -21.66 2.70
N LEU A 332 -13.75 -21.40 3.30
CA LEU A 332 -12.81 -22.48 3.60
C LEU A 332 -13.34 -23.53 4.57
N GLU A 333 -14.20 -23.11 5.50
CA GLU A 333 -14.75 -24.05 6.47
C GLU A 333 -15.57 -25.12 5.74
N GLU A 334 -16.35 -24.68 4.77
CA GLU A 334 -17.18 -25.58 3.98
C GLU A 334 -16.29 -26.54 3.19
N ILE A 335 -15.27 -25.99 2.56
CA ILE A 335 -14.33 -26.79 1.77
C ILE A 335 -13.67 -27.84 2.67
N ALA A 336 -13.15 -27.38 3.81
CA ALA A 336 -12.48 -28.26 4.75
C ALA A 336 -13.41 -29.35 5.26
N ALA A 337 -14.58 -28.95 5.74
CA ALA A 337 -15.54 -29.91 6.28
C ALA A 337 -15.91 -30.98 5.26
N GLU A 338 -16.18 -30.55 4.03
CA GLU A 338 -16.55 -31.48 2.98
C GLU A 338 -15.40 -32.40 2.56
N ARG A 339 -14.17 -32.01 2.89
CA ARG A 339 -13.01 -32.84 2.59
C ARG A 339 -12.67 -33.66 3.83
N GLY A 340 -13.46 -33.47 4.89
CA GLY A 340 -13.26 -34.21 6.13
C GLY A 340 -12.02 -33.80 6.91
N LYS A 341 -11.72 -32.50 6.92
CA LYS A 341 -10.55 -32.01 7.64
C LYS A 341 -10.78 -30.62 8.22
N SER A 342 -9.90 -30.21 9.12
CA SER A 342 -9.98 -28.89 9.71
C SER A 342 -9.42 -27.92 8.68
N LYS A 343 -9.72 -26.63 8.82
CA LYS A 343 -9.20 -25.65 7.87
C LYS A 343 -7.68 -25.78 7.82
N TYR A 344 -7.08 -25.87 9.00
CA TYR A 344 -5.63 -25.99 9.11
C TYR A 344 -5.08 -27.19 8.33
N ASP A 345 -5.68 -28.36 8.49
CA ASP A 345 -5.19 -29.55 7.80
C ASP A 345 -5.46 -29.60 6.30
N VAL A 346 -6.51 -28.92 5.83
CA VAL A 346 -6.83 -28.95 4.41
C VAL A 346 -6.00 -27.97 3.57
N VAL A 347 -5.36 -27.00 4.22
CA VAL A 347 -4.57 -26.02 3.50
C VAL A 347 -3.53 -26.54 2.52
N PRO A 348 -2.65 -27.47 2.96
CA PRO A 348 -1.62 -27.99 2.05
C PRO A 348 -2.09 -28.47 0.68
N GLU A 349 -3.17 -29.24 0.65
CA GLU A 349 -3.68 -29.76 -0.61
C GLU A 349 -4.30 -28.70 -1.52
N LEU A 350 -4.54 -27.51 -0.98
CA LEU A 350 -5.14 -26.43 -1.75
C LEU A 350 -4.13 -25.41 -2.26
N GLN A 351 -2.89 -25.52 -1.78
CA GLN A 351 -1.84 -24.57 -2.17
C GLN A 351 -1.24 -24.87 -3.54
N PRO A 352 -0.79 -23.83 -4.25
CA PRO A 352 -0.84 -22.43 -3.80
C PRO A 352 -2.22 -21.80 -4.00
N ALA A 353 -2.59 -20.92 -3.06
CA ALA A 353 -3.87 -20.25 -3.12
C ALA A 353 -3.83 -18.97 -2.30
N GLY A 354 -4.89 -18.18 -2.37
CA GLY A 354 -4.96 -16.95 -1.60
C GLY A 354 -6.24 -16.96 -0.77
N ALA A 355 -6.31 -16.12 0.25
CA ALA A 355 -7.50 -16.09 1.09
C ALA A 355 -7.71 -14.76 1.79
N ILE A 356 -8.91 -14.62 2.37
CA ILE A 356 -9.30 -13.45 3.15
C ILE A 356 -9.53 -14.05 4.54
N TYR A 357 -8.99 -13.40 5.57
CA TYR A 357 -9.10 -13.89 6.93
C TYR A 357 -9.74 -12.88 7.86
N PHE A 358 -10.91 -13.23 8.41
CA PHE A 358 -11.60 -12.34 9.34
C PHE A 358 -11.07 -12.58 10.75
N MET A 359 -9.96 -11.94 11.07
CA MET A 359 -9.35 -12.12 12.38
C MET A 359 -9.07 -10.84 13.19
N MET A 360 -9.73 -9.74 12.82
CA MET A 360 -9.57 -8.48 13.55
C MET A 360 -10.88 -8.01 14.15
N ASP A 361 -10.80 -7.06 15.07
CA ASP A 361 -11.98 -6.53 15.75
C ASP A 361 -12.11 -5.03 15.44
N GLU A 362 -13.31 -4.61 15.06
CA GLU A 362 -13.57 -3.22 14.71
C GLU A 362 -13.00 -2.17 15.66
N PRO A 363 -13.17 -2.35 16.98
CA PRO A 363 -12.63 -1.36 17.92
C PRO A 363 -11.12 -1.12 17.75
N ASP A 364 -10.37 -2.18 17.51
CA ASP A 364 -8.92 -2.06 17.32
C ASP A 364 -8.62 -1.34 16.01
N VAL A 365 -9.33 -1.71 14.95
CA VAL A 365 -9.12 -1.08 13.65
C VAL A 365 -9.35 0.42 13.78
N GLN A 366 -10.44 0.80 14.43
CA GLN A 366 -10.73 2.21 14.61
C GLN A 366 -9.66 2.91 15.44
N ARG A 367 -9.21 2.27 16.51
CA ARG A 367 -8.20 2.86 17.36
C ARG A 367 -6.91 3.08 16.56
N ILE A 368 -6.53 2.08 15.76
CA ILE A 368 -5.33 2.19 14.96
C ILE A 368 -5.46 3.26 13.88
N LEU A 369 -6.62 3.34 13.24
CA LEU A 369 -6.83 4.35 12.20
C LEU A 369 -6.80 5.76 12.78
N ALA A 370 -7.40 5.94 13.96
CA ALA A 370 -7.46 7.25 14.62
C ALA A 370 -6.12 7.68 15.19
N PHE A 371 -5.27 6.71 15.53
CA PHE A 371 -3.95 6.99 16.08
C PHE A 371 -3.30 8.01 15.14
N GLY A 372 -2.93 9.15 15.69
CA GLY A 372 -2.35 10.22 14.89
C GLY A 372 -1.55 9.91 13.64
N PRO A 373 -0.33 9.36 13.79
CA PRO A 373 0.61 8.99 12.74
C PRO A 373 0.22 7.90 11.74
N THR A 374 -0.87 7.18 11.98
CA THR A 374 -1.25 6.12 11.05
C THR A 374 -1.62 6.59 9.66
N MET A 375 -0.88 6.10 8.66
CA MET A 375 -1.12 6.42 7.26
C MET A 375 -2.08 5.39 6.70
N ILE A 376 -2.71 5.71 5.59
CA ILE A 376 -3.66 4.79 4.97
C ILE A 376 -3.01 4.00 3.84
N GLY A 377 -3.14 2.67 3.91
CA GLY A 377 -2.58 1.80 2.88
C GLY A 377 -3.62 0.74 2.56
N SER A 378 -3.89 0.51 1.27
CA SER A 378 -4.91 -0.47 0.88
C SER A 378 -4.55 -1.93 1.03
N ASP A 379 -3.29 -2.27 0.76
CA ASP A 379 -2.82 -3.64 0.82
C ASP A 379 -3.62 -4.46 -0.19
N GLY A 380 -4.06 -3.81 -1.25
CA GLY A 380 -4.83 -4.51 -2.27
C GLY A 380 -4.01 -5.55 -3.01
N LEU A 381 -4.65 -6.66 -3.37
CA LEU A 381 -4.01 -7.75 -4.10
C LEU A 381 -4.80 -7.75 -5.41
N PRO A 382 -4.36 -6.92 -6.37
CA PRO A 382 -4.98 -6.73 -7.69
C PRO A 382 -5.14 -7.88 -8.65
N HIS A 383 -4.37 -8.95 -8.48
CA HIS A 383 -4.47 -10.10 -9.37
C HIS A 383 -5.45 -11.17 -8.87
N ASP A 384 -5.96 -11.01 -7.66
CA ASP A 384 -6.89 -11.98 -7.07
C ASP A 384 -8.21 -12.10 -7.83
N GLU A 385 -8.66 -13.33 -8.07
CA GLU A 385 -9.90 -13.58 -8.77
C GLU A 385 -11.09 -12.97 -8.02
N ARG A 386 -11.17 -13.24 -6.73
CA ARG A 386 -12.23 -12.70 -5.87
C ARG A 386 -11.49 -12.01 -4.74
N PRO A 387 -11.04 -10.77 -4.99
CA PRO A 387 -10.29 -9.95 -4.04
C PRO A 387 -11.00 -9.39 -2.82
N HIS A 388 -10.20 -8.97 -1.86
CA HIS A 388 -10.67 -8.33 -0.64
C HIS A 388 -11.05 -6.94 -1.18
N PRO A 389 -12.22 -6.40 -0.78
CA PRO A 389 -12.67 -5.08 -1.25
C PRO A 389 -11.77 -3.89 -0.96
N ARG A 390 -10.80 -4.05 -0.06
CA ARG A 390 -9.88 -2.96 0.24
C ARG A 390 -9.19 -2.50 -1.05
N LEU A 391 -9.08 -3.41 -2.00
CA LEU A 391 -8.45 -3.12 -3.29
C LEU A 391 -9.17 -1.97 -4.02
N TRP A 392 -10.49 -1.90 -3.85
CA TRP A 392 -11.30 -0.88 -4.51
C TRP A 392 -11.97 0.17 -3.63
N GLY A 393 -11.98 0.00 -2.31
CA GLY A 393 -12.67 0.98 -1.50
C GLY A 393 -11.95 1.59 -0.31
N THR A 394 -10.67 1.27 -0.13
CA THR A 394 -9.92 1.79 1.01
C THR A 394 -9.99 3.27 1.30
N PHE A 395 -9.58 4.10 0.33
CA PHE A 395 -9.56 5.52 0.58
C PHE A 395 -10.92 6.18 0.77
N PRO A 396 -11.90 5.87 -0.08
CA PRO A 396 -13.22 6.49 0.13
C PRO A 396 -13.86 5.99 1.43
N ARG A 397 -13.49 4.79 1.89
CA ARG A 397 -14.05 4.26 3.13
C ARG A 397 -13.56 5.10 4.30
N VAL A 398 -12.32 5.57 4.22
CA VAL A 398 -11.76 6.41 5.28
C VAL A 398 -12.39 7.80 5.24
N LEU A 399 -12.54 8.35 4.03
CA LEU A 399 -13.11 9.68 3.84
C LEU A 399 -14.61 9.76 4.11
N GLY A 400 -15.32 8.72 3.68
CA GLY A 400 -16.76 8.70 3.87
C GLY A 400 -17.20 8.05 5.15
N HIS A 401 -17.20 6.72 5.15
CA HIS A 401 -17.61 5.94 6.31
C HIS A 401 -17.00 6.37 7.64
N TYR A 402 -15.67 6.38 7.73
CA TYR A 402 -15.04 6.74 8.99
C TYR A 402 -15.00 8.22 9.35
N SER A 403 -14.59 9.07 8.42
CA SER A 403 -14.52 10.50 8.72
C SER A 403 -15.90 11.15 8.79
N ARG A 404 -16.65 11.12 7.70
CA ARG A 404 -17.97 11.74 7.65
C ARG A 404 -19.05 11.07 8.49
N ASP A 405 -19.30 9.78 8.23
CA ASP A 405 -20.35 9.07 8.94
C ASP A 405 -20.12 8.71 10.41
N LEU A 406 -18.90 8.27 10.74
CA LEU A 406 -18.62 7.91 12.13
C LEU A 406 -17.91 9.00 12.91
N GLY A 407 -17.39 10.00 12.21
CA GLY A 407 -16.69 11.09 12.86
C GLY A 407 -15.42 10.67 13.59
N LEU A 408 -14.74 9.65 13.05
CA LEU A 408 -13.51 9.15 13.66
C LEU A 408 -12.43 10.23 13.68
N PHE A 409 -12.48 11.13 12.71
CA PHE A 409 -11.55 12.26 12.58
C PHE A 409 -12.13 13.25 11.58
N PRO A 410 -11.70 14.52 11.65
CA PRO A 410 -12.23 15.50 10.69
C PRO A 410 -11.71 15.17 9.30
N LEU A 411 -12.39 15.67 8.27
CA LEU A 411 -12.00 15.37 6.90
C LEU A 411 -10.56 15.77 6.55
N GLU A 412 -10.13 16.94 7.02
CA GLU A 412 -8.77 17.39 6.71
C GLU A 412 -7.71 16.45 7.29
N THR A 413 -8.04 15.81 8.40
CA THR A 413 -7.11 14.88 9.04
C THR A 413 -7.14 13.56 8.27
N ALA A 414 -8.32 13.17 7.81
CA ALA A 414 -8.45 11.93 7.03
C ALA A 414 -7.66 12.10 5.73
N VAL A 415 -7.75 13.28 5.12
CA VAL A 415 -7.04 13.56 3.89
C VAL A 415 -5.54 13.58 4.14
N TRP A 416 -5.14 14.25 5.23
CA TRP A 416 -3.73 14.34 5.60
C TRP A 416 -3.12 12.94 5.73
N LYS A 417 -3.88 12.02 6.33
CA LYS A 417 -3.43 10.65 6.53
C LYS A 417 -3.17 9.86 5.24
N MET A 418 -3.62 10.39 4.11
CA MET A 418 -3.40 9.72 2.83
C MET A 418 -2.71 10.64 1.83
N THR A 419 -2.19 11.76 2.29
CA THR A 419 -1.51 12.70 1.40
C THR A 419 -0.23 13.30 2.00
N GLY A 420 -0.39 14.41 2.73
CA GLY A 420 0.77 15.08 3.33
C GLY A 420 1.62 14.23 4.24
N LEU A 421 0.98 13.45 5.11
CA LEU A 421 1.71 12.60 6.04
C LEU A 421 2.54 11.57 5.28
N THR A 422 1.89 10.85 4.37
CA THR A 422 2.52 9.81 3.58
C THR A 422 3.66 10.32 2.70
N ALA A 423 3.45 11.47 2.06
CA ALA A 423 4.51 12.03 1.20
C ALA A 423 5.75 12.31 2.05
N ALA A 424 5.53 12.83 3.25
CA ALA A 424 6.63 13.14 4.16
C ALA A 424 7.36 11.88 4.62
N LYS A 425 6.63 10.86 5.04
CA LYS A 425 7.25 9.64 5.53
C LYS A 425 8.03 8.86 4.49
N PHE A 426 7.58 8.88 3.24
CA PHE A 426 8.27 8.16 2.18
C PHE A 426 9.21 9.06 1.38
N GLY A 427 9.27 10.34 1.76
CA GLY A 427 10.17 11.28 1.09
C GLY A 427 9.81 11.59 -0.36
N LEU A 428 8.52 11.68 -0.65
CA LEU A 428 8.07 11.98 -2.01
C LEU A 428 8.00 13.50 -2.12
N ALA A 429 9.11 14.09 -2.56
CA ALA A 429 9.23 15.54 -2.69
C ALA A 429 8.23 16.19 -3.65
N GLU A 430 7.71 17.34 -3.21
CA GLU A 430 6.78 18.13 -3.99
C GLU A 430 5.46 17.46 -4.34
N ARG A 431 5.03 16.52 -3.51
CA ARG A 431 3.76 15.84 -3.71
C ARG A 431 3.07 15.74 -2.36
N GLY A 432 1.77 15.44 -2.38
CA GLY A 432 1.03 15.29 -1.14
C GLY A 432 0.43 16.56 -0.57
N GLN A 433 0.62 17.70 -1.24
CA GLN A 433 0.08 18.96 -0.77
C GLN A 433 -0.40 19.84 -1.91
N VAL A 434 -1.48 20.57 -1.69
CA VAL A 434 -1.97 21.48 -2.72
C VAL A 434 -1.25 22.79 -2.41
N GLN A 435 -0.07 22.94 -3.00
CA GLN A 435 0.78 24.11 -2.80
C GLN A 435 1.38 24.58 -4.12
N PRO A 436 1.51 25.91 -4.30
CA PRO A 436 2.10 26.37 -5.56
C PRO A 436 3.50 25.80 -5.70
N GLY A 437 3.82 25.28 -6.87
CA GLY A 437 5.14 24.72 -7.09
C GLY A 437 5.20 23.21 -7.00
N TYR A 438 4.24 22.63 -6.27
CA TYR A 438 4.19 21.17 -6.11
C TYR A 438 3.59 20.53 -7.36
N TYR A 439 3.79 19.23 -7.50
CA TYR A 439 3.24 18.52 -8.65
C TYR A 439 1.72 18.49 -8.57
N ALA A 440 1.08 18.55 -9.73
CA ALA A 440 -0.37 18.56 -9.80
C ALA A 440 -1.03 17.19 -9.74
N ASP A 441 -0.84 16.48 -8.62
CA ASP A 441 -1.49 15.20 -8.38
C ASP A 441 -2.68 15.69 -7.56
N LEU A 442 -3.89 15.56 -8.10
CA LEU A 442 -5.05 16.08 -7.41
C LEU A 442 -6.27 15.19 -7.52
N VAL A 443 -7.18 15.36 -6.58
CA VAL A 443 -8.43 14.63 -6.59
C VAL A 443 -9.55 15.63 -6.33
N VAL A 444 -10.66 15.45 -7.04
CA VAL A 444 -11.83 16.29 -6.84
C VAL A 444 -12.90 15.33 -6.37
N PHE A 445 -13.36 15.47 -5.14
CA PHE A 445 -14.39 14.57 -4.65
C PHE A 445 -15.49 15.32 -3.91
N ASP A 446 -16.65 14.68 -3.81
CA ASP A 446 -17.80 15.25 -3.13
C ASP A 446 -17.75 14.73 -1.71
N PRO A 447 -17.43 15.60 -0.74
CA PRO A 447 -17.34 15.18 0.66
C PRO A 447 -18.64 14.59 1.20
N ALA A 448 -19.77 15.01 0.64
CA ALA A 448 -21.06 14.50 1.09
C ALA A 448 -21.42 13.12 0.59
N THR A 449 -20.87 12.73 -0.56
CA THR A 449 -21.18 11.42 -1.14
C THR A 449 -20.02 10.45 -1.31
N VAL A 450 -18.79 10.91 -1.13
CA VAL A 450 -17.65 10.00 -1.28
C VAL A 450 -17.86 8.78 -0.40
N ALA A 451 -17.74 7.59 -0.98
CA ALA A 451 -17.93 6.38 -0.21
C ALA A 451 -17.41 5.15 -0.92
N ASP A 452 -17.03 4.15 -0.14
CA ASP A 452 -16.56 2.90 -0.68
C ASP A 452 -17.79 2.10 -1.08
N SER A 453 -17.80 1.60 -2.32
CA SER A 453 -18.93 0.82 -2.81
C SER A 453 -18.62 -0.67 -2.74
N ALA A 454 -17.32 -0.99 -2.74
CA ALA A 454 -16.89 -2.38 -2.70
C ALA A 454 -17.23 -3.03 -1.37
N THR A 455 -17.81 -4.23 -1.44
CA THR A 455 -18.18 -5.00 -0.27
C THR A 455 -17.53 -6.36 -0.46
N PHE A 456 -17.53 -7.19 0.58
CA PHE A 456 -16.93 -8.51 0.44
C PHE A 456 -17.69 -9.31 -0.62
N GLU A 457 -18.99 -9.07 -0.70
CA GLU A 457 -19.85 -9.75 -1.67
C GLU A 457 -19.51 -9.27 -3.09
N HIS A 458 -19.35 -7.96 -3.25
CA HIS A 458 -19.04 -7.35 -4.55
C HIS A 458 -17.83 -6.46 -4.31
N PRO A 459 -16.63 -7.08 -4.26
CA PRO A 459 -15.36 -6.41 -4.02
C PRO A 459 -14.75 -5.51 -5.09
N THR A 460 -15.36 -5.42 -6.27
CA THR A 460 -14.80 -4.57 -7.33
C THR A 460 -15.67 -3.40 -7.75
N GLU A 461 -16.65 -3.03 -6.93
CA GLU A 461 -17.50 -1.90 -7.25
C GLU A 461 -16.73 -0.60 -7.11
N ARG A 462 -16.90 0.30 -8.08
CA ARG A 462 -16.22 1.60 -8.07
C ARG A 462 -16.79 2.50 -7.00
N ALA A 463 -15.91 3.22 -6.31
CA ALA A 463 -16.31 4.13 -5.25
C ALA A 463 -17.19 5.26 -5.76
N ALA A 464 -18.00 5.81 -4.87
CA ALA A 464 -18.88 6.92 -5.20
C ALA A 464 -18.21 8.22 -4.77
N GLY A 465 -18.66 9.33 -5.37
CA GLY A 465 -18.12 10.63 -4.98
C GLY A 465 -16.77 11.06 -5.51
N ILE A 466 -16.16 10.26 -6.37
CA ILE A 466 -14.87 10.62 -6.94
C ILE A 466 -15.15 11.25 -8.31
N HIS A 467 -15.11 12.58 -8.38
CA HIS A 467 -15.38 13.31 -9.60
C HIS A 467 -14.27 13.17 -10.64
N SER A 468 -13.06 13.56 -10.26
CA SER A 468 -11.93 13.47 -11.18
C SER A 468 -10.62 13.32 -10.44
N VAL A 469 -9.63 12.77 -11.15
CA VAL A 469 -8.32 12.54 -10.58
C VAL A 469 -7.27 12.99 -11.58
N TYR A 470 -6.27 13.72 -11.09
CA TYR A 470 -5.18 14.22 -11.94
C TYR A 470 -3.83 13.74 -11.45
N VAL A 471 -2.98 13.36 -12.38
CA VAL A 471 -1.63 12.90 -12.07
C VAL A 471 -0.66 13.74 -12.90
N ASN A 472 0.24 14.43 -12.22
CA ASN A 472 1.20 15.28 -12.90
C ASN A 472 0.48 16.23 -13.86
N GLY A 473 -0.68 16.73 -13.41
CA GLY A 473 -1.45 17.67 -14.21
C GLY A 473 -2.43 17.09 -15.22
N ALA A 474 -2.26 15.83 -15.57
CA ALA A 474 -3.15 15.21 -16.55
C ALA A 474 -4.29 14.45 -15.88
N ALA A 475 -5.50 14.67 -16.36
CA ALA A 475 -6.66 13.97 -15.81
C ALA A 475 -6.55 12.50 -16.20
N VAL A 476 -6.59 11.62 -15.20
CA VAL A 476 -6.51 10.18 -15.46
C VAL A 476 -7.87 9.52 -15.23
N TRP A 477 -8.69 10.15 -14.39
CA TRP A 477 -10.03 9.64 -14.10
C TRP A 477 -11.05 10.76 -14.28
N GLU A 478 -11.98 10.54 -15.20
CA GLU A 478 -13.04 11.51 -15.49
C GLU A 478 -14.26 10.76 -16.00
N ASP A 479 -15.44 11.23 -15.62
CA ASP A 479 -16.68 10.59 -16.04
C ASP A 479 -16.64 9.09 -15.75
N GLN A 480 -16.14 8.74 -14.58
CA GLN A 480 -16.04 7.36 -14.12
C GLN A 480 -15.36 6.43 -15.11
N SER A 481 -14.26 6.88 -15.69
CA SER A 481 -13.53 6.08 -16.66
C SER A 481 -12.09 6.55 -16.78
N PHE A 482 -11.19 5.63 -17.13
CA PHE A 482 -9.80 5.97 -17.32
C PHE A 482 -9.75 6.80 -18.60
N THR A 483 -9.05 7.93 -18.55
CA THR A 483 -8.95 8.84 -19.70
C THR A 483 -7.99 8.38 -20.79
N GLY A 484 -7.07 7.49 -20.45
CA GLY A 484 -6.11 7.03 -21.43
C GLY A 484 -4.77 7.71 -21.22
N GLN A 485 -4.70 8.62 -20.25
CA GLN A 485 -3.47 9.34 -19.95
C GLN A 485 -2.52 8.51 -19.07
N HIS A 486 -1.41 8.05 -19.64
CA HIS A 486 -0.43 7.29 -18.86
C HIS A 486 0.52 8.35 -18.32
N ALA A 487 0.05 9.06 -17.31
CA ALA A 487 0.77 10.18 -16.70
C ALA A 487 1.68 9.91 -15.51
N GLY A 488 1.70 8.69 -15.02
CA GLY A 488 2.52 8.37 -13.87
C GLY A 488 4.02 8.37 -14.14
N ARG A 489 4.79 8.62 -13.09
CA ARG A 489 6.24 8.63 -13.19
C ARG A 489 6.87 7.76 -12.10
N VAL A 490 8.05 7.23 -12.38
CA VAL A 490 8.75 6.43 -11.39
C VAL A 490 9.40 7.47 -10.49
N LEU A 491 9.07 7.44 -9.20
CA LEU A 491 9.59 8.40 -8.26
C LEU A 491 10.84 7.93 -7.51
N ASN A 492 11.63 8.90 -7.06
CA ASN A 492 12.86 8.62 -6.31
C ASN A 492 12.81 9.36 -4.98
N ARG A 493 13.40 8.78 -3.95
CA ARG A 493 13.43 9.40 -2.64
C ARG A 493 14.76 10.14 -2.48
C ACT B . -2.97 -8.42 5.76
O ACT B . -2.94 -7.66 6.76
OXT ACT B . -3.95 -8.46 4.98
CH3 ACT B . -1.70 -9.12 5.37
ZN ZN C . 1.04 -6.19 1.98
#